data_8SVK
#
_entry.id   8SVK
#
_cell.length_a   67.393
_cell.length_b   67.393
_cell.length_c   140.822
_cell.angle_alpha   90.00
_cell.angle_beta   90.00
_cell.angle_gamma   120.00
#
_symmetry.space_group_name_H-M   'P 31 2 1'
#
loop_
_entity.id
_entity.type
_entity.pdbx_description
1 polymer 'Apoptosis regulator BAX'
2 non-polymer DI(HYDROXYETHYL)ETHER
3 non-polymer 'TRIETHYLENE GLYCOL'
4 non-polymer 'TETRAETHYLENE GLYCOL'
5 non-polymer 'SULFATE ION'
6 water water
#
_entity_poly.entity_id   1
_entity_poly.type   'polypeptide(L)'
_entity_poly.pdbx_seq_one_letter_code
;GPLGSDASTKKLSESLKRIGDELNSNMELQRMIAAVDTDSPREVFFRVAADMFSDGNFNWGRVVALFYFASKLVLKALST
K
;
_entity_poly.pdbx_strand_id   A,B,C,D
#
loop_
_chem_comp.id
_chem_comp.type
_chem_comp.name
_chem_comp.formula
PEG non-polymer DI(HYDROXYETHYL)ETHER 'C4 H10 O3'
PG4 non-polymer 'TETRAETHYLENE GLYCOL' 'C8 H18 O5'
PGE non-polymer 'TRIETHYLENE GLYCOL' 'C6 H14 O4'
SO4 non-polymer 'SULFATE ION' 'O4 S -2'
#
# COMPACT_ATOMS: atom_id res chain seq x y z
N ASP A 6 9.09 -37.01 6.98
CA ASP A 6 10.19 -37.38 7.86
C ASP A 6 11.23 -36.28 7.93
N ALA A 7 12.36 -36.45 7.23
CA ALA A 7 13.37 -35.40 7.20
C ALA A 7 12.87 -34.14 6.51
N SER A 8 11.90 -34.29 5.60
CA SER A 8 11.34 -33.15 4.91
C SER A 8 10.58 -32.24 5.87
N THR A 9 9.72 -32.83 6.71
CA THR A 9 8.99 -32.04 7.69
C THR A 9 9.88 -31.60 8.85
N LYS A 10 11.03 -32.25 9.04
CA LYS A 10 11.96 -31.84 10.09
C LYS A 10 12.75 -30.61 9.69
N LYS A 11 13.28 -30.60 8.46
CA LYS A 11 13.97 -29.41 7.96
C LYS A 11 13.03 -28.22 7.90
N LEU A 12 11.75 -28.46 7.59
CA LEU A 12 10.77 -27.39 7.55
C LEU A 12 10.51 -26.82 8.95
N SER A 13 10.41 -27.69 9.95
CA SER A 13 10.16 -27.22 11.32
C SER A 13 11.38 -26.51 11.87
N GLU A 14 12.58 -27.01 11.58
CA GLU A 14 13.79 -26.32 12.02
C GLU A 14 13.94 -24.97 11.34
N SER A 15 13.53 -24.88 10.07
CA SER A 15 13.57 -23.59 9.39
C SER A 15 12.61 -22.60 10.02
N LEU A 16 11.40 -23.04 10.35
CA LEU A 16 10.43 -22.14 10.99
C LEU A 16 10.87 -21.77 12.39
N LYS A 17 11.60 -22.66 13.08
CA LYS A 17 12.15 -22.30 14.38
C LYS A 17 13.21 -21.21 14.25
N ARG A 18 14.06 -21.30 13.23
CA ARG A 18 15.10 -20.29 13.03
C ARG A 18 14.49 -18.94 12.66
N ILE A 19 13.43 -18.94 11.86
CA ILE A 19 12.75 -17.69 11.51
C ILE A 19 12.23 -17.01 12.76
N GLY A 20 11.53 -17.75 13.62
CA GLY A 20 10.97 -17.15 14.82
C GLY A 20 12.04 -16.71 15.80
N ASP A 21 13.12 -17.48 15.90
CA ASP A 21 14.18 -17.14 16.85
C ASP A 21 15.02 -15.95 16.36
N GLU A 22 15.21 -15.82 15.05
CA GLU A 22 15.95 -14.66 14.55
C GLU A 22 15.18 -13.37 14.80
N LEU A 23 13.85 -13.42 14.69
CA LEU A 23 13.04 -12.23 14.93
C LEU A 23 12.97 -11.90 16.42
N ASN A 24 12.84 -12.91 17.27
CA ASN A 24 12.60 -12.67 18.69
C ASN A 24 13.87 -12.32 19.44
N SER A 25 15.03 -12.80 18.99
CA SER A 25 16.28 -12.56 19.70
C SER A 25 16.96 -11.26 19.29
N ASN A 26 16.56 -10.66 18.17
CA ASN A 26 17.15 -9.40 17.73
C ASN A 26 16.81 -8.29 18.72
N MET A 27 17.70 -8.04 19.69
CA MET A 27 17.42 -7.07 20.73
C MET A 27 17.26 -5.67 20.17
N GLU A 28 18.01 -5.34 19.13
CA GLU A 28 17.88 -4.02 18.51
C GLU A 28 16.48 -3.83 17.92
N LEU A 29 15.99 -4.83 17.18
CA LEU A 29 14.67 -4.73 16.57
C LEU A 29 13.58 -4.55 17.62
N GLN A 30 13.67 -5.30 18.72
CA GLN A 30 12.67 -5.18 19.78
C GLN A 30 12.66 -3.77 20.36
N ARG A 31 13.81 -3.12 20.43
CA ARG A 31 13.86 -1.75 20.95
C ARG A 31 13.20 -0.78 19.98
N MET A 32 13.46 -0.93 18.69
CA MET A 32 12.88 -0.01 17.70
C MET A 32 11.35 -0.17 17.64
N ILE A 33 10.87 -1.41 17.69
CA ILE A 33 9.43 -1.65 17.70
C ILE A 33 8.80 -1.05 18.96
N ALA A 34 9.49 -1.18 20.10
CA ALA A 34 8.98 -0.59 21.33
C ALA A 34 9.01 0.93 21.30
N ALA A 35 9.92 1.51 20.52
CA ALA A 35 10.06 2.96 20.44
C ALA A 35 9.05 3.59 19.49
N VAL A 36 8.25 2.81 18.78
CA VAL A 36 7.26 3.36 17.88
C VAL A 36 6.19 4.10 18.68
N ASP A 37 5.91 5.33 18.29
CA ASP A 37 4.95 6.14 19.02
C ASP A 37 3.55 5.58 18.87
N THR A 38 2.77 5.63 19.94
CA THR A 38 1.44 5.04 19.98
C THR A 38 0.36 5.96 19.41
N ASP A 39 0.73 7.10 18.83
CA ASP A 39 -0.26 8.00 18.26
C ASP A 39 -0.67 7.59 16.85
N SER A 40 0.20 6.92 16.11
CA SER A 40 -0.09 6.55 14.72
C SER A 40 0.69 5.30 14.36
N PRO A 41 0.24 4.13 14.82
CA PRO A 41 0.95 2.89 14.45
C PRO A 41 0.68 2.46 13.02
N ARG A 42 -0.51 2.72 12.49
CA ARG A 42 -0.81 2.31 11.11
C ARG A 42 0.04 3.07 10.11
N GLU A 43 0.23 4.37 10.33
CA GLU A 43 1.08 5.15 9.42
C GLU A 43 2.49 4.58 9.37
N VAL A 44 3.06 4.26 10.54
CA VAL A 44 4.40 3.70 10.59
C VAL A 44 4.45 2.34 9.91
N PHE A 45 3.41 1.51 10.13
CA PHE A 45 3.40 0.18 9.53
C PHE A 45 3.33 0.24 8.01
N PHE A 46 2.50 1.15 7.48
CA PHE A 46 2.38 1.25 6.02
C PHE A 46 3.60 1.91 5.41
N ARG A 47 4.21 2.88 6.11
CA ARG A 47 5.48 3.43 5.65
C ARG A 47 6.56 2.36 5.59
N VAL A 48 6.60 1.49 6.61
CA VAL A 48 7.56 0.39 6.61
C VAL A 48 7.23 -0.61 5.52
N ALA A 49 5.94 -0.96 5.37
CA ALA A 49 5.56 -1.93 4.35
C ALA A 49 5.86 -1.43 2.95
N ALA A 50 5.80 -0.12 2.73
CA ALA A 50 6.08 0.44 1.41
C ALA A 50 7.56 0.42 1.09
N ASP A 51 8.42 0.62 2.10
CA ASP A 51 9.86 0.51 1.88
C ASP A 51 10.28 -0.92 1.55
N MET A 52 9.42 -1.90 1.86
CA MET A 52 9.66 -3.29 1.49
C MET A 52 9.45 -3.54 0.00
N PHE A 53 8.75 -2.66 -0.69
CA PHE A 53 8.45 -2.81 -2.12
C PHE A 53 9.32 -1.92 -3.01
N SER A 54 9.61 -0.69 -2.57
CA SER A 54 10.40 0.23 -3.39
C SER A 54 11.78 -0.33 -3.71
N ASP A 55 12.26 -1.30 -2.92
CA ASP A 55 13.52 -1.96 -3.24
C ASP A 55 13.39 -2.80 -4.51
N GLY A 56 12.22 -3.36 -4.77
CA GLY A 56 12.02 -4.26 -5.88
C GLY A 56 12.17 -5.73 -5.54
N ASN A 57 12.84 -6.06 -4.43
CA ASN A 57 13.05 -7.44 -4.03
C ASN A 57 12.17 -7.81 -2.84
N PHE A 58 10.87 -7.72 -3.00
CA PHE A 58 9.96 -8.22 -1.97
C PHE A 58 9.95 -9.74 -1.98
N ASN A 59 10.08 -10.34 -0.80
CA ASN A 59 10.17 -11.79 -0.69
C ASN A 59 9.45 -12.24 0.58
N TRP A 60 9.38 -13.56 0.75
CA TRP A 60 8.68 -14.13 1.90
C TRP A 60 9.33 -13.74 3.21
N GLY A 61 10.65 -13.56 3.23
CA GLY A 61 11.30 -13.13 4.46
C GLY A 61 10.82 -11.78 4.94
N ARG A 62 10.42 -10.92 4.01
CA ARG A 62 10.00 -9.57 4.38
C ARG A 62 8.55 -9.51 4.84
N VAL A 63 7.69 -10.40 4.34
CA VAL A 63 6.31 -10.43 4.81
C VAL A 63 6.23 -11.10 6.19
N VAL A 64 7.08 -12.09 6.46
CA VAL A 64 7.14 -12.66 7.80
C VAL A 64 7.63 -11.63 8.79
N ALA A 65 8.62 -10.82 8.39
CA ALA A 65 9.06 -9.72 9.24
C ALA A 65 8.00 -8.64 9.38
N LEU A 66 7.24 -8.39 8.30
CA LEU A 66 6.18 -7.39 8.37
C LEU A 66 5.07 -7.82 9.31
N PHE A 67 4.70 -9.11 9.28
CA PHE A 67 3.61 -9.56 10.14
C PHE A 67 4.06 -9.69 11.58
N TYR A 68 5.35 -9.97 11.81
CA TYR A 68 5.89 -9.89 13.16
C TYR A 68 5.75 -8.47 13.69
N PHE A 69 6.18 -7.49 12.91
CA PHE A 69 6.06 -6.09 13.30
C PHE A 69 4.60 -5.71 13.52
N ALA A 70 3.70 -6.17 12.65
CA ALA A 70 2.29 -5.83 12.79
C ALA A 70 1.70 -6.45 14.04
N SER A 71 2.05 -7.70 14.33
CA SER A 71 1.53 -8.36 15.53
C SER A 71 2.08 -7.71 16.79
N LYS A 72 3.35 -7.31 16.78
CA LYS A 72 3.91 -6.60 17.93
C LYS A 72 3.24 -5.25 18.14
N LEU A 73 2.93 -4.56 17.03
CA LEU A 73 2.18 -3.31 17.14
C LEU A 73 0.79 -3.54 17.71
N VAL A 74 0.12 -4.62 17.27
CA VAL A 74 -1.21 -4.93 17.77
C VAL A 74 -1.16 -5.23 19.26
N LEU A 75 -0.18 -6.05 19.68
CA LEU A 75 -0.02 -6.34 21.10
C LEU A 75 0.24 -5.07 21.91
N LYS A 76 0.95 -4.12 21.31
CA LYS A 76 1.30 -2.89 22.01
C LYS A 76 0.07 -2.02 22.26
N ALA A 77 -0.83 -1.94 21.28
CA ALA A 77 -2.04 -1.12 21.43
C ALA A 77 -3.02 -1.77 22.40
N LEU A 78 -3.12 -3.10 22.37
CA LEU A 78 -3.99 -3.80 23.31
C LEU A 78 -3.45 -3.79 24.73
N SER A 79 -2.18 -3.44 24.92
CA SER A 79 -1.58 -3.38 26.24
C SER A 79 -1.59 -1.97 26.81
N ALA B 7 12.00 9.64 10.60
CA ALA B 7 13.45 9.61 10.75
C ALA B 7 13.92 8.22 11.19
N SER B 8 13.71 7.90 12.47
CA SER B 8 14.08 6.59 12.98
C SER B 8 13.27 5.46 12.38
N THR B 9 12.17 5.77 11.69
CA THR B 9 11.46 4.76 10.93
C THR B 9 12.34 4.14 9.86
N LYS B 10 13.26 4.93 9.29
CA LYS B 10 14.20 4.39 8.31
C LYS B 10 15.04 3.27 8.91
N LYS B 11 15.62 3.51 10.09
CA LYS B 11 16.46 2.49 10.71
C LYS B 11 15.65 1.26 11.11
N LEU B 12 14.35 1.43 11.37
CA LEU B 12 13.49 0.28 11.63
C LEU B 12 13.18 -0.47 10.34
N SER B 13 12.90 0.26 9.26
CA SER B 13 12.69 -0.39 7.97
C SER B 13 13.96 -1.12 7.52
N GLU B 14 15.12 -0.50 7.71
CA GLU B 14 16.38 -1.16 7.35
C GLU B 14 16.55 -2.45 8.14
N SER B 15 16.23 -2.42 9.44
CA SER B 15 16.36 -3.62 10.25
C SER B 15 15.41 -4.72 9.77
N LEU B 16 14.15 -4.36 9.52
CA LEU B 16 13.19 -5.36 9.06
C LEU B 16 13.54 -5.86 7.66
N LYS B 17 14.07 -4.99 6.81
CA LYS B 17 14.52 -5.43 5.48
C LYS B 17 15.73 -6.37 5.59
N ARG B 18 16.71 -6.00 6.42
CA ARG B 18 17.90 -6.82 6.56
C ARG B 18 17.56 -8.21 7.09
N ILE B 19 16.82 -8.27 8.21
CA ILE B 19 16.44 -9.55 8.79
C ILE B 19 15.64 -10.37 7.78
N GLY B 20 14.72 -9.71 7.06
CA GLY B 20 13.95 -10.43 6.06
C GLY B 20 14.80 -10.98 4.94
N ASP B 21 15.75 -10.17 4.47
CA ASP B 21 16.62 -10.61 3.37
C ASP B 21 17.60 -11.68 3.82
N GLU B 22 18.02 -11.66 5.09
CA GLU B 22 18.93 -12.68 5.58
C GLU B 22 18.24 -14.04 5.66
N LEU B 23 16.98 -14.06 6.09
CA LEU B 23 16.23 -15.31 6.13
C LEU B 23 15.98 -15.84 4.71
N ASN B 24 15.72 -14.93 3.77
CA ASN B 24 15.47 -15.34 2.40
C ASN B 24 16.70 -16.00 1.79
N SER B 25 17.88 -15.39 1.98
CA SER B 25 19.11 -15.94 1.43
C SER B 25 19.55 -17.21 2.13
N ASN B 26 19.00 -17.50 3.31
CA ASN B 26 19.46 -18.63 4.12
C ASN B 26 18.66 -19.90 3.89
N MET B 27 17.38 -19.79 3.55
CA MET B 27 16.51 -20.95 3.44
C MET B 27 15.61 -20.83 2.22
N GLU B 28 15.33 -21.97 1.59
CA GLU B 28 14.38 -22.04 0.49
C GLU B 28 13.02 -22.46 1.02
N LEU B 29 12.42 -21.55 1.81
CA LEU B 29 11.21 -21.91 2.54
C LEU B 29 10.04 -22.19 1.61
N GLN B 30 9.90 -21.41 0.53
CA GLN B 30 8.79 -21.63 -0.40
C GLN B 30 8.90 -23.00 -1.06
N ARG B 31 10.12 -23.42 -1.41
CA ARG B 31 10.31 -24.74 -1.99
C ARG B 31 9.96 -25.83 -0.98
N MET B 32 10.25 -25.58 0.31
CA MET B 32 9.91 -26.56 1.34
C MET B 32 8.41 -26.66 1.54
N ILE B 33 7.73 -25.51 1.62
CA ILE B 33 6.30 -25.51 1.89
C ILE B 33 5.54 -26.16 0.73
N ALA B 34 5.93 -25.83 -0.50
CA ALA B 34 5.26 -26.39 -1.67
C ALA B 34 5.46 -27.89 -1.79
N ALA B 35 6.52 -28.43 -1.20
CA ALA B 35 6.83 -29.85 -1.35
C ALA B 35 6.12 -30.73 -0.33
N VAL B 36 5.45 -30.14 0.67
CA VAL B 36 4.77 -30.98 1.66
C VAL B 36 3.52 -31.59 1.05
N ASP B 37 3.00 -32.62 1.71
CA ASP B 37 1.88 -33.38 1.18
C ASP B 37 0.63 -32.53 1.14
N THR B 38 -0.08 -32.56 0.00
CA THR B 38 -1.26 -31.75 -0.19
C THR B 38 -2.54 -32.41 0.29
N ASP B 39 -2.57 -33.74 0.34
CA ASP B 39 -3.75 -34.49 0.78
C ASP B 39 -3.76 -34.76 2.27
N SER B 40 -2.86 -34.12 3.03
CA SER B 40 -2.74 -34.36 4.47
C SER B 40 -2.44 -33.04 5.16
N PRO B 41 -3.43 -32.14 5.26
CA PRO B 41 -3.16 -30.78 5.75
C PRO B 41 -3.10 -30.67 7.27
N ARG B 42 -4.00 -31.34 7.97
CA ARG B 42 -4.12 -31.11 9.41
C ARG B 42 -2.91 -31.63 10.18
N GLU B 43 -2.39 -32.81 9.81
CA GLU B 43 -1.36 -33.44 10.61
C GLU B 43 0.05 -33.01 10.22
N VAL B 44 0.25 -32.46 9.03
CA VAL B 44 1.55 -31.86 8.71
C VAL B 44 1.73 -30.57 9.50
N PHE B 45 0.63 -29.86 9.80
CA PHE B 45 0.71 -28.68 10.64
C PHE B 45 1.06 -29.05 12.08
N PHE B 46 0.38 -30.07 12.62
CA PHE B 46 0.64 -30.49 14.00
C PHE B 46 2.01 -31.12 14.15
N ARG B 47 2.51 -31.80 13.12
CA ARG B 47 3.85 -32.36 13.19
C ARG B 47 4.91 -31.25 13.26
N VAL B 48 4.71 -30.19 12.48
CA VAL B 48 5.63 -29.06 12.52
C VAL B 48 5.47 -28.27 13.82
N ALA B 49 4.22 -28.03 14.23
CA ALA B 49 3.99 -27.24 15.43
C ALA B 49 4.53 -27.95 16.67
N ALA B 50 4.44 -29.28 16.71
CA ALA B 50 4.93 -30.01 17.87
C ALA B 50 6.45 -29.93 17.97
N ASP B 51 7.15 -30.10 16.85
CA ASP B 51 8.61 -30.06 16.89
C ASP B 51 9.10 -28.64 17.19
N MET B 52 8.35 -27.62 16.80
CA MET B 52 8.79 -26.24 17.06
C MET B 52 8.83 -25.92 18.55
N PHE B 53 7.97 -26.57 19.34
CA PHE B 53 7.86 -26.29 20.76
C PHE B 53 8.35 -27.44 21.63
N SER B 54 9.03 -28.43 21.05
CA SER B 54 9.56 -29.54 21.82
C SER B 54 10.67 -29.11 22.77
N ASP B 55 11.33 -27.98 22.49
CA ASP B 55 12.42 -27.50 23.33
C ASP B 55 11.95 -26.56 24.44
N GLY B 56 10.65 -26.32 24.56
CA GLY B 56 10.13 -25.48 25.61
C GLY B 56 10.25 -24.00 25.36
N ASN B 57 10.50 -23.58 24.12
CA ASN B 57 10.62 -22.17 23.76
C ASN B 57 9.38 -21.78 22.97
N PHE B 58 8.49 -21.01 23.58
CA PHE B 58 7.22 -20.61 22.99
C PHE B 58 7.19 -19.12 22.63
N ASN B 59 8.28 -18.61 22.05
CA ASN B 59 8.36 -17.17 21.82
C ASN B 59 7.41 -16.74 20.72
N TRP B 60 7.09 -15.43 20.74
CA TRP B 60 6.10 -14.88 19.82
C TRP B 60 6.58 -14.95 18.37
N GLY B 61 7.90 -14.93 18.15
CA GLY B 61 8.41 -15.07 16.80
C GLY B 61 8.03 -16.39 16.16
N ARG B 62 8.05 -17.47 16.96
CA ARG B 62 7.66 -18.77 16.43
C ARG B 62 6.16 -18.86 16.18
N VAL B 63 5.36 -18.18 17.00
CA VAL B 63 3.91 -18.13 16.76
C VAL B 63 3.62 -17.48 15.41
N VAL B 64 4.33 -16.38 15.11
CA VAL B 64 4.15 -15.73 13.81
C VAL B 64 4.61 -16.64 12.69
N ALA B 65 5.75 -17.31 12.86
CA ALA B 65 6.24 -18.23 11.85
C ALA B 65 5.27 -19.38 11.62
N LEU B 66 4.60 -19.84 12.68
CA LEU B 66 3.64 -20.93 12.53
C LEU B 66 2.38 -20.48 11.83
N PHE B 67 1.94 -19.24 12.05
CA PHE B 67 0.74 -18.75 11.38
C PHE B 67 1.00 -18.52 9.90
N TYR B 68 2.18 -18.04 9.54
CA TYR B 68 2.53 -17.89 8.14
C TYR B 68 2.54 -19.24 7.44
N PHE B 69 3.08 -20.27 8.10
CA PHE B 69 3.07 -21.61 7.52
C PHE B 69 1.65 -22.14 7.40
N ALA B 70 0.80 -21.86 8.38
CA ALA B 70 -0.59 -22.30 8.32
C ALA B 70 -1.34 -21.61 7.20
N SER B 71 -1.07 -20.32 6.98
CA SER B 71 -1.73 -19.60 5.89
C SER B 71 -1.27 -20.12 4.53
N LYS B 72 0.03 -20.36 4.37
CA LYS B 72 0.51 -20.98 3.14
C LYS B 72 -0.08 -22.36 2.93
N LEU B 73 -0.46 -23.04 4.02
CA LEU B 73 -1.02 -24.38 3.90
C LEU B 73 -2.45 -24.33 3.36
N VAL B 74 -3.27 -23.43 3.88
CA VAL B 74 -4.67 -23.37 3.44
C VAL B 74 -4.76 -22.76 2.05
N LEU B 75 -3.85 -21.87 1.69
CA LEU B 75 -3.86 -21.30 0.35
C LEU B 75 -3.50 -22.37 -0.70
N LYS B 76 -2.54 -23.24 -0.37
CA LYS B 76 -2.26 -24.38 -1.24
C LYS B 76 -3.46 -25.32 -1.33
N ALA B 77 -4.14 -25.55 -0.21
CA ALA B 77 -5.30 -26.43 -0.21
C ALA B 77 -6.45 -25.85 -1.02
N LEU B 78 -6.54 -24.52 -1.11
CA LEU B 78 -7.59 -23.86 -1.87
C LEU B 78 -7.22 -23.64 -3.33
N SER B 79 -6.05 -24.10 -3.76
CA SER B 79 -5.64 -23.91 -5.15
C SER B 79 -5.82 -25.21 -5.95
N ALA C 7 -27.23 23.99 -16.69
CA ALA C 7 -27.58 24.03 -15.28
C ALA C 7 -26.73 23.05 -14.48
N SER C 8 -27.10 21.77 -14.54
CA SER C 8 -26.34 20.75 -13.82
C SER C 8 -24.94 20.58 -14.41
N THR C 9 -24.81 20.71 -15.73
CA THR C 9 -23.51 20.59 -16.35
C THR C 9 -22.60 21.77 -16.03
N LYS C 10 -23.18 22.96 -15.81
CA LYS C 10 -22.38 24.13 -15.49
C LYS C 10 -21.66 23.94 -14.16
N LYS C 11 -22.41 23.66 -13.09
CA LYS C 11 -21.82 23.57 -11.76
C LYS C 11 -20.86 22.38 -11.66
N LEU C 12 -21.18 21.28 -12.33
CA LEU C 12 -20.29 20.12 -12.29
C LEU C 12 -18.97 20.41 -12.99
N SER C 13 -19.02 21.11 -14.12
CA SER C 13 -17.80 21.45 -14.84
C SER C 13 -16.94 22.44 -14.07
N GLU C 14 -17.57 23.36 -13.33
CA GLU C 14 -16.80 24.27 -12.48
C GLU C 14 -16.07 23.51 -11.40
N SER C 15 -16.72 22.50 -10.81
CA SER C 15 -16.08 21.71 -9.76
C SER C 15 -14.94 20.87 -10.32
N LEU C 16 -15.18 20.18 -11.44
CA LEU C 16 -14.13 19.38 -12.06
C LEU C 16 -12.98 20.24 -12.54
N LYS C 17 -13.25 21.47 -12.99
CA LYS C 17 -12.18 22.39 -13.35
C LYS C 17 -11.39 22.82 -12.12
N ARG C 18 -12.10 23.14 -11.03
CA ARG C 18 -11.42 23.56 -9.81
C ARG C 18 -10.54 22.45 -9.25
N ILE C 19 -11.04 21.21 -9.25
CA ILE C 19 -10.25 20.09 -8.75
C ILE C 19 -9.09 19.79 -9.69
N GLY C 20 -9.37 19.78 -10.99
CA GLY C 20 -8.30 19.52 -11.95
C GLY C 20 -7.21 20.57 -11.92
N ASP C 21 -7.59 21.85 -11.77
CA ASP C 21 -6.60 22.91 -11.73
C ASP C 21 -5.82 22.90 -10.42
N GLU C 22 -6.41 22.38 -9.34
CA GLU C 22 -5.66 22.26 -8.09
C GLU C 22 -4.55 21.21 -8.21
N LEU C 23 -4.81 20.11 -8.92
CA LEU C 23 -3.77 19.13 -9.15
C LEU C 23 -2.64 19.72 -9.99
N ASN C 24 -2.98 20.61 -10.92
CA ASN C 24 -2.04 21.09 -11.92
C ASN C 24 -1.30 22.35 -11.50
N SER C 25 -1.96 23.25 -10.77
CA SER C 25 -1.42 24.57 -10.52
C SER C 25 -1.17 24.86 -9.05
N ASN C 26 -1.38 23.89 -8.17
CA ASN C 26 -1.00 24.06 -6.77
C ASN C 26 0.51 24.23 -6.70
N MET C 27 0.95 25.47 -6.44
CA MET C 27 2.38 25.78 -6.47
C MET C 27 3.18 24.86 -5.57
N GLU C 28 2.69 24.60 -4.37
CA GLU C 28 3.37 23.67 -3.48
C GLU C 28 3.36 22.26 -4.06
N LEU C 29 2.20 21.78 -4.48
CA LEU C 29 2.08 20.43 -5.04
C LEU C 29 3.07 20.22 -6.17
N GLN C 30 3.12 21.15 -7.12
CA GLN C 30 4.07 21.05 -8.22
C GLN C 30 5.51 21.09 -7.72
N ARG C 31 5.76 21.84 -6.64
CA ARG C 31 7.10 21.90 -6.08
C ARG C 31 7.50 20.58 -5.42
N MET C 32 6.54 19.83 -4.89
CA MET C 32 6.86 18.51 -4.33
C MET C 32 7.29 17.55 -5.42
N ILE C 33 6.57 17.54 -6.55
CA ILE C 33 6.86 16.60 -7.62
C ILE C 33 8.26 16.83 -8.18
N ALA C 34 8.60 18.10 -8.43
CA ALA C 34 9.92 18.42 -8.99
C ALA C 34 11.04 17.94 -8.08
N ALA C 35 10.80 17.90 -6.77
CA ALA C 35 11.79 17.40 -5.82
C ALA C 35 11.67 15.88 -5.74
N VAL C 36 12.48 15.18 -6.53
CA VAL C 36 12.52 13.73 -6.53
C VAL C 36 13.93 13.29 -6.90
N ASP C 37 14.40 12.21 -6.28
CA ASP C 37 15.78 11.77 -6.42
C ASP C 37 16.17 11.47 -7.86
N THR C 38 15.18 11.30 -8.75
CA THR C 38 15.36 11.00 -10.17
C THR C 38 15.87 9.58 -10.39
N ASP C 39 16.63 9.04 -9.43
CA ASP C 39 16.99 7.63 -9.47
C ASP C 39 16.11 6.76 -8.57
N SER C 40 15.37 7.35 -7.64
CA SER C 40 14.39 6.63 -6.84
C SER C 40 13.10 7.44 -6.71
N PRO C 41 12.40 7.70 -7.81
CA PRO C 41 11.02 8.19 -7.69
C PRO C 41 10.07 7.12 -7.20
N ARG C 42 10.47 5.85 -7.30
CA ARG C 42 9.64 4.75 -6.82
C ARG C 42 9.51 4.78 -5.31
N GLU C 43 10.58 5.16 -4.59
CA GLU C 43 10.54 5.14 -3.13
C GLU C 43 9.62 6.21 -2.58
N VAL C 44 9.63 7.41 -3.17
CA VAL C 44 8.74 8.47 -2.70
C VAL C 44 7.31 8.20 -3.13
N PHE C 45 7.10 7.65 -4.33
CA PHE C 45 5.74 7.36 -4.80
C PHE C 45 5.08 6.30 -3.93
N PHE C 46 5.80 5.22 -3.64
CA PHE C 46 5.25 4.18 -2.78
C PHE C 46 5.00 4.69 -1.37
N ARG C 47 5.82 5.62 -0.89
CA ARG C 47 5.57 6.21 0.41
C ARG C 47 4.29 7.05 0.39
N VAL C 48 4.07 7.81 -0.68
CA VAL C 48 2.85 8.60 -0.76
C VAL C 48 1.62 7.70 -0.84
N ALA C 49 1.72 6.59 -1.57
CA ALA C 49 0.62 5.66 -1.66
C ALA C 49 0.29 5.04 -0.29
N ALA C 50 1.28 4.95 0.60
CA ALA C 50 1.07 4.32 1.90
C ALA C 50 0.09 5.12 2.75
N ASP C 51 0.24 6.46 2.75
CA ASP C 51 -0.69 7.29 3.52
C ASP C 51 -2.11 7.19 2.98
N MET C 52 -2.25 6.88 1.69
CA MET C 52 -3.58 6.74 1.09
C MET C 52 -4.34 5.57 1.70
N PHE C 53 -3.63 4.51 2.11
CA PHE C 53 -4.25 3.35 2.74
C PHE C 53 -4.22 3.41 4.26
N SER C 54 -3.45 4.32 4.84
CA SER C 54 -3.22 4.31 6.29
C SER C 54 -4.52 4.49 7.06
N ASP C 55 -5.24 5.59 6.79
CA ASP C 55 -6.44 5.93 7.56
C ASP C 55 -7.62 5.03 7.24
N GLY C 56 -7.51 4.11 6.29
CA GLY C 56 -8.62 3.25 5.93
C GLY C 56 -9.69 3.89 5.07
N ASN C 57 -9.46 5.11 4.59
CA ASN C 57 -10.41 5.82 3.75
C ASN C 57 -9.97 5.85 2.29
N PHE C 58 -9.34 4.78 1.83
CA PHE C 58 -8.92 4.72 0.43
C PHE C 58 -10.13 4.66 -0.48
N ASN C 59 -10.07 5.40 -1.58
CA ASN C 59 -11.18 5.49 -2.50
C ASN C 59 -10.65 5.76 -3.90
N TRP C 60 -11.54 5.68 -4.89
CA TRP C 60 -11.13 5.90 -6.27
C TRP C 60 -10.71 7.34 -6.51
N GLY C 61 -11.21 8.28 -5.71
CA GLY C 61 -10.73 9.65 -5.82
C GLY C 61 -9.25 9.77 -5.52
N ARG C 62 -8.77 9.00 -4.53
CA ARG C 62 -7.36 9.01 -4.21
C ARG C 62 -6.53 8.27 -5.25
N VAL C 63 -7.14 7.36 -6.01
CA VAL C 63 -6.40 6.64 -7.05
C VAL C 63 -6.01 7.58 -8.18
N VAL C 64 -6.93 8.46 -8.60
CA VAL C 64 -6.63 9.36 -9.71
C VAL C 64 -5.63 10.43 -9.27
N ALA C 65 -5.67 10.84 -8.00
CA ALA C 65 -4.66 11.76 -7.50
C ALA C 65 -3.30 11.09 -7.46
N LEU C 66 -3.25 9.82 -7.05
CA LEU C 66 -2.02 9.05 -7.13
C LEU C 66 -1.61 8.81 -8.58
N PHE C 67 -2.59 8.62 -9.47
CA PHE C 67 -2.27 8.46 -10.88
C PHE C 67 -1.69 9.72 -11.48
N TYR C 68 -2.25 10.89 -11.12
CA TYR C 68 -1.70 12.15 -11.59
C TYR C 68 -0.26 12.31 -11.11
N PHE C 69 -0.02 12.00 -9.84
CA PHE C 69 1.32 12.11 -9.27
C PHE C 69 2.31 11.25 -10.05
N ALA C 70 1.95 9.99 -10.31
CA ALA C 70 2.86 9.09 -11.03
C ALA C 70 3.09 9.56 -12.45
N SER C 71 2.03 10.05 -13.11
CA SER C 71 2.16 10.48 -14.50
C SER C 71 3.08 11.69 -14.61
N LYS C 72 2.99 12.62 -13.67
CA LYS C 72 3.87 13.79 -13.70
C LYS C 72 5.32 13.41 -13.42
N LEU C 73 5.54 12.35 -12.63
CA LEU C 73 6.90 11.86 -12.43
C LEU C 73 7.45 11.26 -13.72
N VAL C 74 6.62 10.56 -14.48
CA VAL C 74 7.04 10.02 -15.77
C VAL C 74 7.34 11.14 -16.75
N LEU C 75 6.50 12.19 -16.76
CA LEU C 75 6.68 13.29 -17.70
C LEU C 75 7.98 14.02 -17.44
N LYS C 76 8.32 14.24 -16.16
CA LYS C 76 9.57 14.93 -15.83
C LYS C 76 10.78 14.21 -16.41
N ALA C 77 10.83 12.88 -16.24
CA ALA C 77 11.98 12.12 -16.73
C ALA C 77 11.98 12.04 -18.24
N LEU C 78 10.81 12.12 -18.87
CA LEU C 78 10.72 12.10 -20.33
C LEU C 78 10.80 13.50 -20.95
N SER C 79 10.88 14.54 -20.13
CA SER C 79 10.99 15.90 -20.65
C SER C 79 12.32 16.52 -20.21
N THR C 80 13.41 15.82 -20.46
CA THR C 80 14.75 16.25 -20.06
C THR C 80 14.81 16.53 -18.56
N ASP D 6 10.59 11.87 6.03
CA ASP D 6 10.36 13.32 5.98
C ASP D 6 8.87 13.62 5.90
N ALA D 7 8.46 14.73 6.53
CA ALA D 7 7.09 15.18 6.44
C ALA D 7 6.76 15.83 5.10
N SER D 8 7.77 16.08 4.26
CA SER D 8 7.49 16.55 2.89
C SER D 8 6.72 15.49 2.12
N THR D 9 7.08 14.22 2.28
CA THR D 9 6.28 13.14 1.72
C THR D 9 4.91 13.11 2.37
N LYS D 10 4.84 13.42 3.66
CA LYS D 10 3.55 13.49 4.36
C LYS D 10 2.75 14.70 3.89
N LYS D 11 3.41 15.86 3.82
CA LYS D 11 2.74 17.07 3.32
C LYS D 11 2.25 16.87 1.90
N LEU D 12 3.02 16.15 1.09
CA LEU D 12 2.59 15.83 -0.28
C LEU D 12 1.41 14.85 -0.27
N SER D 13 1.34 13.96 0.72
CA SER D 13 0.24 13.00 0.77
C SER D 13 -1.06 13.67 1.18
N GLU D 14 -1.02 14.55 2.19
CA GLU D 14 -2.24 15.22 2.62
C GLU D 14 -2.83 16.07 1.51
N SER D 15 -1.97 16.71 0.70
CA SER D 15 -2.46 17.50 -0.43
C SER D 15 -3.16 16.61 -1.45
N LEU D 16 -2.55 15.45 -1.76
CA LEU D 16 -3.19 14.52 -2.70
C LEU D 16 -4.40 13.84 -2.08
N LYS D 17 -4.39 13.62 -0.76
CA LYS D 17 -5.55 13.03 -0.10
C LYS D 17 -6.72 14.01 -0.09
N ARG D 18 -6.45 15.30 0.14
CA ARG D 18 -7.52 16.29 0.17
C ARG D 18 -8.18 16.44 -1.19
N ILE D 19 -7.38 16.45 -2.25
CA ILE D 19 -7.93 16.59 -3.59
C ILE D 19 -8.65 15.32 -4.02
N GLY D 20 -8.10 14.16 -3.64
CA GLY D 20 -8.78 12.90 -3.94
C GLY D 20 -10.10 12.76 -3.22
N ASP D 21 -10.14 13.16 -1.94
CA ASP D 21 -11.38 13.10 -1.18
C ASP D 21 -12.41 14.09 -1.68
N GLU D 22 -11.96 15.25 -2.18
CA GLU D 22 -12.91 16.23 -2.72
C GLU D 22 -13.51 15.74 -4.03
N LEU D 23 -12.75 15.01 -4.83
CA LEU D 23 -13.30 14.45 -6.07
C LEU D 23 -14.29 13.32 -5.77
N ASN D 24 -14.03 12.55 -4.71
CA ASN D 24 -14.88 11.41 -4.39
C ASN D 24 -16.18 11.82 -3.70
N SER D 25 -16.19 12.96 -3.01
CA SER D 25 -17.37 13.44 -2.31
C SER D 25 -18.08 14.57 -3.04
N ASN D 26 -17.78 14.76 -4.33
CA ASN D 26 -18.38 15.84 -5.09
C ASN D 26 -19.89 15.67 -5.17
N MET D 27 -20.62 16.62 -4.59
CA MET D 27 -22.07 16.53 -4.56
C MET D 27 -22.67 16.63 -5.96
N GLU D 28 -22.15 17.54 -6.78
CA GLU D 28 -22.70 17.73 -8.12
C GLU D 28 -22.41 16.52 -9.01
N LEU D 29 -21.29 15.84 -8.76
CA LEU D 29 -21.02 14.59 -9.46
C LEU D 29 -22.00 13.50 -9.00
N GLN D 30 -22.22 13.40 -7.70
CA GLN D 30 -23.17 12.44 -7.16
C GLN D 30 -24.58 12.70 -7.68
N ARG D 31 -24.92 13.97 -7.88
CA ARG D 31 -26.27 14.32 -8.34
C ARG D 31 -26.44 13.98 -9.81
N MET D 32 -25.39 14.11 -10.62
CA MET D 32 -25.49 13.83 -12.05
C MET D 32 -25.63 12.33 -12.32
N ILE D 33 -24.89 11.49 -11.58
CA ILE D 33 -24.98 10.06 -11.78
C ILE D 33 -26.38 9.56 -11.42
N ALA D 34 -26.98 10.12 -10.37
CA ALA D 34 -28.28 9.69 -9.88
C ALA D 34 -29.43 10.09 -10.80
N ALA D 35 -29.19 10.92 -11.81
CA ALA D 35 -30.28 11.46 -12.62
C ALA D 35 -30.08 11.36 -14.13
N VAL D 36 -28.94 10.81 -14.59
CA VAL D 36 -28.69 10.73 -16.03
C VAL D 36 -29.61 9.74 -16.73
N ASP D 37 -30.35 8.92 -15.99
CA ASP D 37 -31.29 7.96 -16.55
C ASP D 37 -30.58 6.96 -17.45
N THR D 38 -30.52 7.24 -18.77
CA THR D 38 -29.85 6.37 -19.72
C THR D 38 -29.56 7.18 -20.99
N ASP D 39 -28.85 6.53 -21.92
CA ASP D 39 -28.57 7.07 -23.25
C ASP D 39 -27.74 8.34 -23.23
N SER D 40 -28.12 9.30 -22.38
CA SER D 40 -27.53 10.62 -22.26
C SER D 40 -26.05 10.67 -21.88
N PRO D 41 -25.44 9.59 -21.30
CA PRO D 41 -23.98 9.57 -21.09
C PRO D 41 -23.14 10.30 -22.13
N ARG D 42 -23.44 10.15 -23.41
CA ARG D 42 -22.69 10.90 -24.42
C ARG D 42 -23.00 12.39 -24.34
N GLU D 43 -24.28 12.74 -24.14
CA GLU D 43 -24.66 14.15 -24.16
C GLU D 43 -24.12 14.89 -22.95
N VAL D 44 -24.21 14.29 -21.75
CA VAL D 44 -23.72 14.98 -20.56
C VAL D 44 -22.20 15.06 -20.56
N PHE D 45 -21.51 14.06 -21.11
CA PHE D 45 -20.06 14.08 -21.12
C PHE D 45 -19.52 15.22 -21.97
N PHE D 46 -19.99 15.34 -23.20
CA PHE D 46 -19.46 16.36 -24.10
C PHE D 46 -19.82 17.77 -23.66
N ARG D 47 -20.97 17.93 -22.98
CA ARG D 47 -21.28 19.24 -22.41
C ARG D 47 -20.33 19.59 -21.28
N VAL D 48 -19.98 18.62 -20.44
CA VAL D 48 -18.99 18.86 -19.39
C VAL D 48 -17.62 19.03 -20.01
N ALA D 49 -17.28 18.18 -20.99
CA ALA D 49 -15.98 18.26 -21.64
C ALA D 49 -15.78 19.62 -22.31
N ALA D 50 -16.83 20.14 -22.95
CA ALA D 50 -16.71 21.44 -23.61
C ALA D 50 -16.55 22.57 -22.61
N ASP D 51 -17.29 22.51 -21.51
CA ASP D 51 -17.20 23.56 -20.50
C ASP D 51 -15.81 23.60 -19.86
N MET D 52 -15.24 22.44 -19.58
CA MET D 52 -13.94 22.38 -18.90
C MET D 52 -12.81 22.93 -19.75
N PHE D 53 -12.96 22.97 -21.06
CA PHE D 53 -11.89 23.39 -21.97
C PHE D 53 -12.26 24.62 -22.78
N SER D 54 -13.34 25.31 -22.41
CA SER D 54 -13.74 26.51 -23.13
C SER D 54 -12.89 27.72 -22.79
N ASP D 55 -12.13 27.67 -21.70
CA ASP D 55 -11.29 28.79 -21.29
C ASP D 55 -9.86 28.68 -21.79
N GLY D 56 -9.57 27.69 -22.64
CA GLY D 56 -8.24 27.56 -23.20
C GLY D 56 -7.21 26.99 -22.27
N ASN D 57 -7.62 26.34 -21.19
CA ASN D 57 -6.70 25.73 -20.23
C ASN D 57 -7.01 24.22 -20.21
N PHE D 58 -6.24 23.44 -20.98
CA PHE D 58 -6.48 22.02 -21.08
C PHE D 58 -6.17 21.30 -19.77
N ASN D 59 -4.88 21.27 -19.41
N ASN D 59 -4.90 21.31 -19.37
CA ASN D 59 -4.42 20.73 -18.13
CA ASN D 59 -4.43 20.74 -18.11
C ASN D 59 -4.57 19.21 -18.06
C ASN D 59 -4.57 19.21 -18.07
N TRP D 60 -3.49 18.52 -17.69
CA TRP D 60 -3.56 17.08 -17.50
C TRP D 60 -4.37 16.72 -16.25
N GLY D 61 -4.41 17.62 -15.28
CA GLY D 61 -5.26 17.38 -14.11
C GLY D 61 -6.74 17.46 -14.47
N ARG D 62 -7.10 18.37 -15.37
CA ARG D 62 -8.49 18.43 -15.84
C ARG D 62 -8.83 17.18 -16.64
N VAL D 63 -7.89 16.70 -17.46
CA VAL D 63 -8.11 15.47 -18.22
C VAL D 63 -8.36 14.30 -17.28
N VAL D 64 -7.56 14.20 -16.20
CA VAL D 64 -7.72 13.12 -15.24
C VAL D 64 -9.08 13.22 -14.55
N ALA D 65 -9.45 14.43 -14.13
CA ALA D 65 -10.76 14.61 -13.51
C ALA D 65 -11.89 14.28 -14.48
N LEU D 66 -11.71 14.60 -15.76
CA LEU D 66 -12.75 14.34 -16.74
C LEU D 66 -12.92 12.84 -17.00
N PHE D 67 -11.81 12.09 -17.02
CA PHE D 67 -11.92 10.65 -17.19
C PHE D 67 -12.51 9.98 -15.96
N TYR D 68 -12.30 10.57 -14.78
CA TYR D 68 -12.96 10.08 -13.57
C TYR D 68 -14.47 10.28 -13.65
N PHE D 69 -14.90 11.45 -14.11
CA PHE D 69 -16.33 11.71 -14.29
C PHE D 69 -16.93 10.75 -15.32
N ALA D 70 -16.22 10.50 -16.42
CA ALA D 70 -16.73 9.61 -17.45
C ALA D 70 -16.84 8.18 -16.94
N SER D 71 -15.82 7.71 -16.21
CA SER D 71 -15.82 6.33 -15.74
C SER D 71 -16.92 6.10 -14.70
N LYS D 72 -17.09 7.03 -13.75
CA LYS D 72 -18.18 6.88 -12.78
C LYS D 72 -19.54 6.97 -13.46
N LEU D 73 -19.65 7.80 -14.49
CA LEU D 73 -20.91 7.94 -15.20
C LEU D 73 -21.26 6.65 -15.95
N VAL D 74 -20.26 6.01 -16.57
CA VAL D 74 -20.52 4.82 -17.36
C VAL D 74 -20.59 3.58 -16.47
N LEU D 75 -19.67 3.44 -15.53
CA LEU D 75 -19.63 2.28 -14.65
C LEU D 75 -20.47 2.51 -13.40
N LYS D 76 -21.71 2.93 -13.60
CA LYS D 76 -22.61 3.28 -12.51
C LYS D 76 -23.43 2.06 -12.08
N ALA D 77 -24.00 2.16 -10.89
CA ALA D 77 -24.84 1.09 -10.35
C ALA D 77 -26.31 1.47 -10.42
C1 PEG E . -9.52 -1.67 7.11
O1 PEG E . -9.12 -2.51 6.04
C2 PEG E . -8.70 -0.42 7.16
O2 PEG E . -9.03 0.33 8.32
C3 PEG E . -10.39 0.77 8.31
C4 PEG E . -10.64 1.60 9.53
O4 PEG E . -12.02 1.94 9.64
C1 PGE F . 3.13 -10.55 -6.48
O1 PGE F . 2.02 -11.43 -6.30
C2 PGE F . 3.69 -10.21 -5.12
O2 PGE F . 4.50 -9.05 -5.23
C3 PGE F . 5.82 -9.32 -5.61
C4 PGE F . 6.14 -8.56 -6.89
O4 PGE F . 9.20 -10.27 -6.04
C6 PGE F . 8.87 -10.83 -7.31
C5 PGE F . 7.50 -10.30 -7.71
O3 PGE F . 7.42 -8.95 -7.33
C1 PGE G . 5.63 -13.74 -2.39
O1 PGE G . 6.67 -13.26 -1.56
C2 PGE G . 4.41 -14.02 -1.54
O2 PGE G . 4.84 -14.51 -0.28
C3 PGE G . 3.80 -15.09 0.48
C4 PGE G . 2.73 -14.05 0.76
O4 PGE G . -0.20 -15.40 3.38
C6 PGE G . -0.54 -14.50 2.34
C5 PGE G . 0.69 -13.74 1.91
O3 PGE G . 1.67 -14.66 1.47
C1 PEG H . 3.63 -16.72 23.89
O1 PEG H . 2.91 -16.89 22.67
C2 PEG H . 4.67 -15.64 23.77
O2 PEG H . 5.55 -15.71 24.89
C3 PEG H . 6.29 -14.52 25.08
C4 PEG H . 7.20 -14.30 23.91
O4 PEG H . 7.18 -12.96 23.47
C1 PGE I . -17.69 4.13 -6.95
O1 PGE I . -18.38 3.10 -6.26
C2 PGE I . -16.78 3.51 -8.00
O2 PGE I . -17.39 3.64 -9.27
C3 PGE I . -16.92 2.69 -10.22
C4 PGE I . -15.42 2.84 -10.38
O4 PGE I . -12.07 5.92 -11.72
C6 PGE I . -13.42 5.76 -11.26
C5 PGE I . -13.76 4.28 -11.27
O3 PGE I . -15.12 4.12 -10.91
O1 PG4 J . -2.50 18.25 -22.08
C1 PG4 J . -1.66 19.12 -22.81
C2 PG4 J . -2.17 20.53 -22.79
O2 PG4 J . -1.86 21.13 -21.53
C3 PG4 J . -0.64 21.87 -21.55
C4 PG4 J . -0.41 22.50 -20.22
O3 PG4 J . -0.68 21.56 -19.19
C5 PG4 J . 0.38 20.60 -19.20
C6 PG4 J . -0.11 19.32 -18.60
O4 PG4 J . 0.79 18.27 -18.88
C7 PG4 J . 0.73 18.03 -20.28
C8 PG4 J . 1.48 16.79 -20.63
O5 PG4 J . 0.59 15.69 -20.66
C1 PEG K . -6.47 9.08 -17.81
O1 PEG K . -6.86 8.33 -16.67
C2 PEG K . -6.73 8.31 -19.08
O2 PEG K . -7.23 9.20 -20.07
C3 PEG K . -6.22 10.00 -20.65
C4 PEG K . -6.77 10.71 -21.85
O4 PEG K . -7.43 9.82 -22.73
S SO4 L . -14.37 10.35 -26.39
O1 SO4 L . -14.44 9.75 -27.72
O2 SO4 L . -13.12 9.96 -25.74
O3 SO4 L . -14.40 11.81 -26.52
O4 SO4 L . -15.49 9.91 -25.58
#